data_1ES7
#
_entry.id   1ES7
#
_cell.length_a   109.330
_cell.length_b   109.330
_cell.length_c   101.905
_cell.angle_alpha   90.00
_cell.angle_beta   90.00
_cell.angle_gamma   120.00
#
_symmetry.space_group_name_H-M   'P 65'
#
loop_
_entity.id
_entity.type
_entity.pdbx_description
1 polymer 'BONE MORPHOGENETIC PROTEIN-2'
2 polymer 'BONE MORPHOGENETIC PROTEIN RECEPTOR IA'
3 water water
#
loop_
_entity_poly.entity_id
_entity_poly.type
_entity_poly.pdbx_seq_one_letter_code
_entity_poly.pdbx_strand_id
1 'polypeptide(L)'
;MAQAKHKQRKRLKSSCKRHPLYVDFSDVGWNDWIVAPPGYHAFYCHGECPFPLADHLNSTNHAIVQTLVNSVNSKIPKAC
CVPTELSAISMLYLDENEKVVLKNYQDMVVEGCGCR
;
A,C
2 'polypeptide(L)'
;TLPFLKCYCSGHCPDDAINNTCITNGHCFAIIEEDDQGETTLASGCMKYEGSDFQCKDSPKAQLRRTIECCRTNLCNQYL
QPTLPPVVI
;
B,D
#
# COMPACT_ATOMS: atom_id res chain seq x y z
N LYS A 13 17.12 0.13 -0.92
CA LYS A 13 18.26 -0.44 -0.13
C LYS A 13 17.80 -1.41 0.97
N SER A 14 17.18 -0.86 2.01
CA SER A 14 16.72 -1.67 3.13
C SER A 14 15.25 -2.05 3.03
N SER A 15 14.75 -2.67 4.09
CA SER A 15 13.36 -3.11 4.16
C SER A 15 12.37 -1.99 4.41
N CYS A 16 11.11 -2.36 4.30
CA CYS A 16 9.99 -1.47 4.52
C CYS A 16 10.07 -0.84 5.91
N LYS A 17 9.94 0.47 5.96
CA LYS A 17 9.99 1.18 7.23
C LYS A 17 9.48 2.60 7.08
N ARG A 18 9.23 3.24 8.21
CA ARG A 18 8.76 4.61 8.23
C ARG A 18 9.92 5.56 8.05
N HIS A 19 9.71 6.63 7.29
CA HIS A 19 10.75 7.62 7.06
C HIS A 19 10.21 8.99 7.46
N PRO A 20 11.10 9.92 7.81
CA PRO A 20 10.65 11.25 8.21
C PRO A 20 10.33 12.13 6.99
N LEU A 21 9.25 12.90 7.12
CA LEU A 21 8.82 13.80 6.07
C LEU A 21 8.04 14.92 6.73
N TYR A 22 8.62 16.11 6.74
CA TYR A 22 7.97 17.26 7.35
C TYR A 22 7.36 18.12 6.24
N VAL A 23 6.06 18.38 6.36
CA VAL A 23 5.38 19.19 5.36
C VAL A 23 5.22 20.62 5.86
N ASP A 24 5.98 21.54 5.27
CA ASP A 24 5.91 22.94 5.64
C ASP A 24 4.92 23.56 4.67
N PHE A 25 3.81 24.06 5.20
CA PHE A 25 2.78 24.65 4.35
C PHE A 25 3.23 25.83 3.52
N SER A 26 4.44 26.33 3.78
CA SER A 26 4.96 27.46 2.99
C SER A 26 5.70 26.92 1.78
N ASP A 27 6.46 25.83 1.98
CA ASP A 27 7.19 25.26 0.87
C ASP A 27 6.24 24.78 -0.22
N VAL A 28 5.09 24.22 0.16
CA VAL A 28 4.14 23.77 -0.85
C VAL A 28 3.27 24.93 -1.29
N GLY A 29 3.23 25.99 -0.48
CA GLY A 29 2.44 27.15 -0.82
C GLY A 29 0.98 27.10 -0.43
N TRP A 30 0.70 26.78 0.82
CA TRP A 30 -0.67 26.71 1.32
C TRP A 30 -0.87 27.64 2.52
N ASN A 31 0.18 28.39 2.83
CA ASN A 31 0.13 29.31 3.96
C ASN A 31 -0.82 30.47 3.73
N ASP A 32 -1.42 30.51 2.55
CA ASP A 32 -2.37 31.56 2.23
C ASP A 32 -3.77 31.15 2.70
N TRP A 33 -4.03 29.85 2.80
CA TRP A 33 -5.34 29.43 3.28
C TRP A 33 -5.28 28.62 4.57
N ILE A 34 -4.09 28.16 4.95
CA ILE A 34 -3.93 27.42 6.20
C ILE A 34 -3.24 28.33 7.23
N VAL A 35 -3.97 28.76 8.25
CA VAL A 35 -3.39 29.65 9.25
C VAL A 35 -2.56 28.94 10.31
N ALA A 36 -2.96 27.72 10.67
CA ALA A 36 -2.24 26.95 11.67
C ALA A 36 -2.54 25.47 11.52
N PRO A 37 -1.52 24.60 11.70
CA PRO A 37 -0.14 24.94 12.06
C PRO A 37 0.65 25.41 10.86
N PRO A 38 1.91 25.80 11.06
CA PRO A 38 2.72 26.26 9.93
C PRO A 38 3.29 25.06 9.15
N GLY A 39 3.17 23.88 9.74
CA GLY A 39 3.66 22.66 9.11
C GLY A 39 3.39 21.50 10.04
N TYR A 40 3.80 20.29 9.66
CA TYR A 40 3.60 19.13 10.52
C TYR A 40 4.37 17.93 10.01
N HIS A 41 4.63 16.97 10.90
CA HIS A 41 5.36 15.76 10.53
C HIS A 41 4.39 14.72 10.00
N ALA A 42 4.50 14.44 8.71
CA ALA A 42 3.64 13.48 8.04
C ALA A 42 4.24 12.08 7.95
N PHE A 43 5.54 12.02 7.66
CA PHE A 43 6.26 10.76 7.50
C PHE A 43 5.78 10.07 6.23
N TYR A 44 6.42 8.96 5.91
CA TYR A 44 6.03 8.17 4.75
C TYR A 44 6.68 6.80 4.86
N CYS A 45 6.06 5.82 4.19
CA CYS A 45 6.56 4.46 4.22
C CYS A 45 7.31 4.20 2.95
N HIS A 46 8.33 3.35 3.03
CA HIS A 46 9.13 3.04 1.86
C HIS A 46 10.08 1.91 2.19
N GLY A 47 10.43 1.12 1.16
CA GLY A 47 11.33 0.01 1.38
C GLY A 47 10.80 -1.31 0.87
N GLU A 48 11.70 -2.28 0.71
CA GLU A 48 11.29 -3.57 0.20
C GLU A 48 10.55 -4.50 1.15
N CYS A 49 9.80 -5.42 0.54
CA CYS A 49 9.03 -6.43 1.23
C CYS A 49 9.59 -7.73 0.70
N PRO A 50 10.63 -8.25 1.37
CA PRO A 50 11.29 -9.50 0.99
C PRO A 50 10.67 -10.73 1.59
N PHE A 51 11.23 -11.87 1.25
CA PHE A 51 10.77 -13.12 1.82
C PHE A 51 11.83 -13.57 2.81
N PRO A 52 11.41 -13.94 4.03
CA PRO A 52 10.00 -13.91 4.43
C PRO A 52 9.65 -12.54 4.96
N LEU A 53 8.36 -12.29 5.16
CA LEU A 53 7.91 -11.01 5.71
C LEU A 53 7.99 -11.17 7.23
N ALA A 54 8.85 -10.40 7.87
CA ALA A 54 9.04 -10.49 9.31
C ALA A 54 7.89 -9.89 10.12
N ASP A 55 7.73 -10.38 11.34
CA ASP A 55 6.69 -9.94 12.25
C ASP A 55 6.39 -8.44 12.22
N HIS A 56 7.42 -7.61 12.31
CA HIS A 56 7.22 -6.17 12.35
C HIS A 56 6.72 -5.50 11.07
N LEU A 57 6.66 -6.26 9.98
CA LEU A 57 6.18 -5.70 8.72
C LEU A 57 4.66 -5.84 8.68
N ASN A 58 4.11 -6.39 9.75
CA ASN A 58 2.67 -6.63 9.89
C ASN A 58 1.95 -6.71 8.57
N SER A 59 2.04 -7.87 7.91
CA SER A 59 1.40 -8.03 6.62
C SER A 59 0.24 -8.98 6.65
N THR A 60 -0.59 -8.90 5.62
CA THR A 60 -1.77 -9.73 5.46
C THR A 60 -1.40 -11.05 4.79
N ASN A 61 -2.26 -12.05 4.92
CA ASN A 61 -2.02 -13.34 4.30
C ASN A 61 -1.82 -13.18 2.80
N HIS A 62 -2.65 -12.35 2.17
CA HIS A 62 -2.52 -12.11 0.75
C HIS A 62 -1.12 -11.62 0.39
N ALA A 63 -0.61 -10.68 1.17
CA ALA A 63 0.73 -10.15 0.93
C ALA A 63 1.75 -11.29 1.02
N ILE A 64 1.58 -12.17 2.01
CA ILE A 64 2.46 -13.33 2.19
C ILE A 64 2.41 -14.16 0.90
N VAL A 65 1.23 -14.66 0.55
CA VAL A 65 1.04 -15.46 -0.65
C VAL A 65 1.54 -14.76 -1.90
N GLN A 66 1.25 -13.47 -2.04
CA GLN A 66 1.73 -12.77 -3.24
C GLN A 66 3.26 -12.78 -3.29
N THR A 67 3.91 -12.57 -2.15
CA THR A 67 5.36 -12.56 -2.06
C THR A 67 5.95 -13.92 -2.46
N LEU A 68 5.29 -15.00 -2.08
CA LEU A 68 5.77 -16.33 -2.44
C LEU A 68 5.61 -16.54 -3.94
N VAL A 69 4.49 -16.10 -4.48
CA VAL A 69 4.22 -16.24 -5.91
C VAL A 69 5.31 -15.51 -6.69
N ASN A 70 5.69 -14.32 -6.22
CA ASN A 70 6.71 -13.55 -6.88
C ASN A 70 8.04 -14.33 -6.89
N SER A 71 8.22 -15.17 -5.87
CA SER A 71 9.42 -15.99 -5.77
C SER A 71 9.45 -17.09 -6.83
N VAL A 72 8.25 -17.52 -7.24
CA VAL A 72 8.10 -18.56 -8.23
C VAL A 72 8.12 -17.98 -9.65
N ASN A 73 7.63 -16.76 -9.79
CA ASN A 73 7.60 -16.08 -11.08
C ASN A 73 7.56 -14.58 -10.82
N SER A 74 8.62 -13.88 -11.21
CA SER A 74 8.72 -12.45 -10.99
C SER A 74 7.81 -11.56 -11.82
N LYS A 75 6.92 -12.14 -12.63
CA LYS A 75 6.00 -11.34 -13.42
C LYS A 75 5.02 -10.71 -12.43
N ILE A 76 4.79 -11.41 -11.32
CA ILE A 76 3.89 -10.94 -10.26
C ILE A 76 4.70 -10.04 -9.32
N PRO A 77 4.24 -8.81 -9.08
CA PRO A 77 4.91 -7.84 -8.21
C PRO A 77 5.01 -8.27 -6.76
N LYS A 78 5.90 -7.63 -6.01
CA LYS A 78 6.07 -7.92 -4.58
C LYS A 78 5.05 -7.06 -3.85
N ALA A 79 4.82 -7.35 -2.57
CA ALA A 79 3.89 -6.57 -1.76
C ALA A 79 4.46 -5.14 -1.68
N CYS A 80 3.63 -4.17 -1.27
CA CYS A 80 4.11 -2.79 -1.19
C CYS A 80 4.19 -2.22 0.24
N CYS A 81 5.19 -1.39 0.47
CA CYS A 81 5.36 -0.76 1.78
C CYS A 81 4.47 0.47 1.84
N VAL A 82 3.43 0.39 2.67
CA VAL A 82 2.48 1.48 2.81
C VAL A 82 2.07 1.65 4.26
N PRO A 83 1.42 2.78 4.59
CA PRO A 83 0.98 3.05 5.96
C PRO A 83 -0.01 1.97 6.38
N THR A 84 0.04 1.59 7.65
CA THR A 84 -0.88 0.59 8.17
C THR A 84 -1.61 1.19 9.37
N GLU A 85 -1.06 2.28 9.91
CA GLU A 85 -1.68 2.97 11.03
C GLU A 85 -1.49 4.48 10.82
N LEU A 86 -2.57 5.24 10.99
CA LEU A 86 -2.51 6.69 10.78
C LEU A 86 -3.29 7.46 11.84
N SER A 87 -2.79 8.63 12.23
CA SER A 87 -3.47 9.46 13.22
C SER A 87 -3.90 10.76 12.56
N ALA A 88 -4.84 11.46 13.19
CA ALA A 88 -5.34 12.72 12.66
C ALA A 88 -4.64 13.94 13.23
N ILE A 89 -4.95 15.11 12.67
CA ILE A 89 -4.39 16.37 13.16
C ILE A 89 -5.44 17.43 12.93
N SER A 90 -5.33 18.54 13.66
CA SER A 90 -6.27 19.63 13.54
C SER A 90 -5.62 20.79 12.82
N MET A 91 -6.39 21.44 11.97
CA MET A 91 -5.87 22.59 11.24
C MET A 91 -6.86 23.71 11.25
N LEU A 92 -6.34 24.93 11.14
CA LEU A 92 -7.14 26.13 11.14
C LEU A 92 -6.95 26.75 9.75
N TYR A 93 -8.01 26.74 8.94
CA TYR A 93 -7.91 27.31 7.60
C TYR A 93 -9.00 28.33 7.31
N LEU A 94 -8.83 29.03 6.19
CA LEU A 94 -9.77 30.04 5.73
C LEU A 94 -10.65 29.50 4.60
N ASP A 95 -11.96 29.46 4.81
CA ASP A 95 -12.86 28.98 3.76
C ASP A 95 -13.13 30.17 2.84
N GLU A 96 -13.73 29.92 1.68
CA GLU A 96 -14.01 30.99 0.73
C GLU A 96 -14.63 32.24 1.39
N ASN A 97 -15.36 32.02 2.48
CA ASN A 97 -16.02 33.11 3.20
C ASN A 97 -15.06 34.03 3.94
N GLU A 98 -13.77 33.73 3.88
CA GLU A 98 -12.74 34.52 4.54
C GLU A 98 -12.77 34.33 6.06
N LYS A 99 -13.45 33.28 6.50
CA LYS A 99 -13.57 32.98 7.92
C LYS A 99 -12.69 31.81 8.35
N VAL A 100 -12.04 31.95 9.51
CA VAL A 100 -11.18 30.89 10.04
C VAL A 100 -12.02 29.76 10.60
N VAL A 101 -11.75 28.56 10.10
CA VAL A 101 -12.47 27.35 10.51
C VAL A 101 -11.53 26.33 11.12
N LEU A 102 -12.03 25.59 12.10
CA LEU A 102 -11.23 24.54 12.71
C LEU A 102 -11.74 23.23 12.17
N LYS A 103 -10.83 22.46 11.57
CA LYS A 103 -11.19 21.17 11.01
C LYS A 103 -10.22 20.11 11.51
N ASN A 104 -10.72 18.90 11.66
CA ASN A 104 -9.88 17.81 12.13
C ASN A 104 -9.70 16.79 11.00
N TYR A 105 -8.52 16.79 10.39
CA TYR A 105 -8.22 15.89 9.29
C TYR A 105 -7.73 14.51 9.72
N GLN A 106 -8.46 13.49 9.30
CA GLN A 106 -8.13 12.10 9.62
C GLN A 106 -6.99 11.58 8.75
N ASP A 107 -6.35 10.50 9.22
CA ASP A 107 -5.29 9.85 8.48
C ASP A 107 -4.28 10.80 7.86
N MET A 108 -3.78 11.75 8.65
CA MET A 108 -2.83 12.73 8.15
C MET A 108 -1.38 12.34 8.48
N VAL A 109 -1.22 11.57 9.55
CA VAL A 109 0.10 11.17 10.04
C VAL A 109 0.34 9.67 10.01
N VAL A 110 1.43 9.25 9.37
CA VAL A 110 1.77 7.83 9.31
C VAL A 110 2.32 7.40 10.67
N GLU A 111 1.59 6.53 11.34
CA GLU A 111 2.00 6.04 12.65
C GLU A 111 2.82 4.74 12.51
N GLY A 112 2.47 3.92 11.53
CA GLY A 112 3.18 2.68 11.30
C GLY A 112 3.14 2.27 9.84
N CYS A 113 4.10 1.45 9.42
CA CYS A 113 4.20 0.97 8.05
C CYS A 113 4.14 -0.54 7.99
N GLY A 114 3.83 -1.08 6.82
CA GLY A 114 3.75 -2.51 6.66
C GLY A 114 3.71 -2.92 5.20
N CYS A 115 3.77 -4.22 4.93
CA CYS A 115 3.75 -4.74 3.57
C CYS A 115 2.37 -5.24 3.18
N ARG A 116 1.82 -4.68 2.11
CA ARG A 116 0.50 -5.06 1.61
C ARG A 116 0.52 -5.39 0.14
N THR B 1 -2.50 -14.71 21.84
CA THR B 1 -1.89 -13.97 20.70
C THR B 1 -1.04 -12.76 21.11
N LEU B 2 -0.52 -12.81 22.34
CA LEU B 2 0.34 -11.75 22.85
C LEU B 2 1.74 -12.31 22.61
N PRO B 3 2.69 -11.47 22.18
CA PRO B 3 4.02 -12.02 21.95
C PRO B 3 4.56 -12.70 23.22
N PHE B 4 5.21 -13.85 23.06
CA PHE B 4 5.74 -14.60 24.21
C PHE B 4 7.06 -15.28 23.86
N LEU B 5 7.39 -15.29 22.58
CA LEU B 5 8.60 -15.94 22.12
C LEU B 5 9.70 -14.91 21.86
N LYS B 6 10.90 -15.23 22.27
CA LYS B 6 12.04 -14.34 22.09
C LYS B 6 12.93 -15.00 21.06
N CYS B 7 13.25 -14.27 19.99
CA CYS B 7 14.08 -14.81 18.94
C CYS B 7 15.29 -13.97 18.65
N TYR B 8 16.26 -14.60 18.01
CA TYR B 8 17.47 -13.91 17.62
C TYR B 8 17.18 -13.43 16.21
N CYS B 9 17.53 -12.19 15.92
CA CYS B 9 17.31 -11.66 14.58
C CYS B 9 18.59 -11.12 14.00
N SER B 10 18.72 -11.25 12.68
CA SER B 10 19.87 -10.79 11.95
C SER B 10 19.43 -10.53 10.51
N GLY B 11 19.47 -9.27 10.09
CA GLY B 11 19.04 -8.94 8.74
C GLY B 11 17.56 -8.62 8.71
N HIS B 12 16.78 -9.19 9.63
CA HIS B 12 15.35 -8.94 9.69
C HIS B 12 14.90 -8.33 11.02
N CYS B 13 15.84 -7.74 11.76
CA CYS B 13 15.51 -7.14 13.04
C CYS B 13 14.64 -5.90 12.89
N PRO B 14 13.68 -5.72 13.80
CA PRO B 14 12.83 -4.54 13.73
C PRO B 14 13.71 -3.39 14.25
N ASP B 15 13.35 -2.15 13.95
CA ASP B 15 14.17 -1.04 14.40
C ASP B 15 14.36 -0.89 15.89
N ASP B 16 13.42 -1.39 16.67
CA ASP B 16 13.49 -1.30 18.13
C ASP B 16 14.02 -2.58 18.78
N ALA B 17 14.81 -3.34 18.05
CA ALA B 17 15.35 -4.57 18.61
C ALA B 17 16.40 -4.27 19.67
N ILE B 18 16.64 -5.24 20.55
CA ILE B 18 17.60 -5.10 21.63
C ILE B 18 18.59 -6.27 21.59
N ASN B 19 19.86 -5.94 21.40
CA ASN B 19 20.92 -6.94 21.34
C ASN B 19 20.59 -8.05 20.34
N ASN B 20 20.12 -7.67 19.17
CA ASN B 20 19.78 -8.62 18.12
C ASN B 20 18.75 -9.65 18.51
N THR B 21 17.65 -9.18 19.07
CA THR B 21 16.57 -10.08 19.44
C THR B 21 15.26 -9.35 19.18
N CYS B 22 14.22 -10.12 18.90
CA CYS B 22 12.89 -9.57 18.65
C CYS B 22 11.93 -10.48 19.40
N ILE B 23 10.74 -9.99 19.69
CA ILE B 23 9.76 -10.82 20.37
C ILE B 23 8.62 -11.07 19.38
N THR B 24 7.90 -12.18 19.53
CA THR B 24 6.82 -12.48 18.61
C THR B 24 5.84 -13.48 19.20
N ASN B 25 4.76 -13.76 18.47
CA ASN B 25 3.78 -14.72 18.93
C ASN B 25 3.72 -15.88 17.93
N GLY B 26 4.68 -15.90 17.01
CA GLY B 26 4.73 -16.93 16.00
C GLY B 26 5.92 -17.88 16.07
N HIS B 27 6.90 -17.65 15.20
CA HIS B 27 8.07 -18.51 15.17
C HIS B 27 9.36 -17.74 15.05
N CYS B 28 10.46 -18.45 15.24
CA CYS B 28 11.79 -17.89 15.09
C CYS B 28 12.21 -18.55 13.77
N PHE B 29 12.94 -17.84 12.93
CA PHE B 29 13.37 -18.46 11.68
C PHE B 29 14.81 -18.14 11.32
N ALA B 30 15.38 -18.99 10.48
CA ALA B 30 16.74 -18.82 9.97
C ALA B 30 16.60 -19.12 8.49
N ILE B 31 17.34 -18.42 7.65
CA ILE B 31 17.24 -18.68 6.22
C ILE B 31 18.52 -18.38 5.45
N ILE B 32 18.83 -19.25 4.48
CA ILE B 32 20.00 -19.08 3.60
C ILE B 32 19.50 -18.91 2.18
N GLU B 33 20.13 -18.01 1.44
CA GLU B 33 19.72 -17.76 0.07
C GLU B 33 20.93 -17.85 -0.84
N GLU B 34 20.75 -17.59 -2.13
CA GLU B 34 21.86 -17.63 -3.07
C GLU B 34 21.73 -16.57 -4.17
N ASP B 35 22.84 -16.32 -4.87
CA ASP B 35 22.93 -15.33 -5.94
C ASP B 35 22.58 -13.92 -5.46
N GLU B 39 27.53 -14.07 -2.30
CA GLU B 39 26.42 -14.74 -3.04
C GLU B 39 25.39 -15.36 -2.09
N THR B 40 25.85 -16.27 -1.24
CA THR B 40 24.96 -16.93 -0.28
C THR B 40 25.03 -16.17 1.05
N THR B 41 23.88 -15.94 1.67
CA THR B 41 23.83 -15.21 2.94
C THR B 41 22.95 -15.93 3.97
N LEU B 42 23.08 -15.52 5.23
CA LEU B 42 22.28 -16.13 6.29
C LEU B 42 21.56 -15.03 7.07
N ALA B 43 20.27 -15.23 7.32
CA ALA B 43 19.50 -14.25 8.07
C ALA B 43 18.53 -14.95 9.00
N SER B 44 18.00 -14.19 9.95
CA SER B 44 17.10 -14.75 10.94
C SER B 44 16.19 -13.65 11.46
N GLY B 45 15.12 -14.02 12.13
CA GLY B 45 14.20 -13.02 12.67
C GLY B 45 12.95 -13.64 13.26
N CYS B 46 11.96 -12.78 13.54
CA CYS B 46 10.69 -13.20 14.11
C CYS B 46 9.62 -13.24 13.04
N MET B 47 8.75 -14.22 13.12
CA MET B 47 7.67 -14.37 12.14
C MET B 47 6.34 -14.39 12.87
N LYS B 48 5.45 -13.48 12.49
CA LYS B 48 4.13 -13.38 13.08
C LYS B 48 3.42 -14.72 12.88
N TYR B 49 2.54 -15.10 13.79
CA TYR B 49 1.86 -16.38 13.66
C TYR B 49 0.97 -16.52 12.43
N GLU B 50 0.18 -15.51 12.14
CA GLU B 50 -0.70 -15.57 10.98
C GLU B 50 0.08 -15.59 9.69
N GLY B 51 -0.16 -16.60 8.87
CA GLY B 51 0.53 -16.73 7.60
C GLY B 51 1.85 -17.45 7.71
N SER B 52 2.21 -17.88 8.92
CA SER B 52 3.47 -18.57 9.13
C SER B 52 3.53 -19.93 8.47
N ASP B 53 2.39 -20.62 8.35
CA ASP B 53 2.43 -21.93 7.71
C ASP B 53 2.84 -21.76 6.25
N PHE B 54 2.47 -20.64 5.64
CA PHE B 54 2.83 -20.39 4.26
C PHE B 54 4.33 -20.16 4.16
N GLN B 55 4.84 -19.28 5.03
CA GLN B 55 6.27 -18.93 5.01
C GLN B 55 7.24 -19.98 5.49
N CYS B 56 6.83 -20.80 6.46
CA CYS B 56 7.74 -21.84 6.95
C CYS B 56 7.79 -23.01 5.97
N LYS B 57 6.75 -23.17 5.16
CA LYS B 57 6.72 -24.24 4.17
C LYS B 57 7.54 -23.80 2.97
N ASP B 58 7.36 -22.54 2.59
CA ASP B 58 8.02 -21.97 1.43
C ASP B 58 7.50 -22.70 0.20
N SER B 59 8.04 -22.37 -0.97
CA SER B 59 7.61 -23.03 -2.19
C SER B 59 8.80 -23.76 -2.79
N PRO B 60 8.63 -25.05 -3.14
CA PRO B 60 9.69 -25.88 -3.73
C PRO B 60 10.09 -25.34 -5.08
N LYS B 61 9.25 -24.48 -5.65
CA LYS B 61 9.49 -23.96 -6.98
C LYS B 61 9.91 -22.51 -7.07
N ALA B 62 10.63 -22.04 -6.06
CA ALA B 62 11.10 -20.66 -6.07
C ALA B 62 12.28 -20.61 -7.06
N GLN B 63 12.42 -19.47 -7.75
CA GLN B 63 13.51 -19.30 -8.71
C GLN B 63 14.91 -19.43 -8.10
N LEU B 64 15.12 -18.83 -6.93
CA LEU B 64 16.42 -18.90 -6.28
C LEU B 64 16.43 -19.95 -5.18
N ARG B 65 17.52 -20.70 -5.07
CA ARG B 65 17.60 -21.73 -4.05
C ARG B 65 17.82 -21.11 -2.66
N ARG B 66 17.04 -21.60 -1.71
CA ARG B 66 17.09 -21.10 -0.35
C ARG B 66 16.40 -22.11 0.55
N THR B 67 16.71 -22.05 1.84
CA THR B 67 16.10 -22.94 2.81
C THR B 67 15.76 -22.15 4.04
N ILE B 68 14.54 -22.33 4.52
CA ILE B 68 14.11 -21.62 5.70
C ILE B 68 13.68 -22.66 6.73
N GLU B 69 13.91 -22.36 8.01
CA GLU B 69 13.55 -23.25 9.09
C GLU B 69 12.93 -22.45 10.21
N CYS B 70 11.89 -23.01 10.81
CA CYS B 70 11.15 -22.36 11.88
C CYS B 70 11.15 -23.19 13.15
N CYS B 71 11.07 -22.52 14.30
CA CYS B 71 11.03 -23.18 15.59
C CYS B 71 10.32 -22.27 16.60
N ARG B 72 9.75 -22.85 17.65
CA ARG B 72 9.02 -22.08 18.65
C ARG B 72 9.55 -22.17 20.08
N THR B 73 10.85 -21.99 20.23
CA THR B 73 11.50 -22.04 21.52
C THR B 73 12.43 -20.83 21.64
N ASN B 74 12.38 -20.17 22.78
CA ASN B 74 13.21 -18.98 22.99
C ASN B 74 14.63 -19.13 22.47
N LEU B 75 15.00 -18.21 21.60
CA LEU B 75 16.32 -18.18 20.99
C LEU B 75 16.75 -19.44 20.25
N CYS B 76 15.77 -20.22 19.79
CA CYS B 76 16.07 -21.44 19.04
C CYS B 76 16.71 -21.03 17.71
N ASN B 77 16.58 -19.74 17.40
CA ASN B 77 17.16 -19.11 16.21
C ASN B 77 18.67 -19.26 16.28
N GLN B 78 19.23 -18.55 17.27
CA GLN B 78 20.64 -18.47 17.60
C GLN B 78 21.56 -19.35 16.77
N TYR B 79 21.43 -20.65 16.94
CA TYR B 79 22.28 -21.59 16.23
C TYR B 79 21.48 -22.54 15.35
N LEU B 80 21.31 -22.11 14.11
CA LEU B 80 20.60 -22.87 13.09
C LEU B 80 21.34 -22.61 11.79
N GLN B 81 21.65 -23.70 11.09
CA GLN B 81 22.39 -23.61 9.84
C GLN B 81 21.65 -24.36 8.74
N PRO B 82 20.58 -23.78 8.21
CA PRO B 82 19.90 -24.50 7.15
C PRO B 82 20.89 -24.78 6.02
N THR B 83 20.61 -25.78 5.21
CA THR B 83 21.51 -26.13 4.11
C THR B 83 20.78 -25.99 2.76
N LEU B 84 21.42 -25.36 1.80
CA LEU B 84 20.81 -25.19 0.49
C LEU B 84 20.34 -26.52 -0.11
N PRO B 85 19.28 -26.49 -0.92
CA PRO B 85 18.75 -27.70 -1.54
C PRO B 85 19.72 -28.17 -2.63
N PRO B 86 19.89 -29.50 -2.78
CA PRO B 86 20.77 -30.10 -3.80
C PRO B 86 20.33 -29.84 -5.24
N LYS C 13 1.74 1.27 -16.91
CA LYS C 13 0.94 1.88 -18.02
C LYS C 13 -0.27 2.66 -17.53
N SER C 14 -1.27 1.95 -17.02
CA SER C 14 -2.49 2.59 -16.53
C SER C 14 -2.48 2.83 -15.04
N SER C 15 -3.62 3.28 -14.53
CA SER C 15 -3.78 3.57 -13.12
C SER C 15 -3.94 2.34 -12.26
N CYS C 16 -3.95 2.58 -10.96
CA CYS C 16 -4.11 1.57 -9.95
C CYS C 16 -5.41 0.81 -10.16
N LYS C 17 -5.33 -0.51 -10.18
CA LYS C 17 -6.52 -1.30 -10.35
C LYS C 17 -6.26 -2.75 -9.97
N ARG C 18 -7.34 -3.52 -9.85
CA ARG C 18 -7.22 -4.92 -9.50
C ARG C 18 -6.88 -5.72 -10.75
N HIS C 19 -6.04 -6.74 -10.60
CA HIS C 19 -5.67 -7.59 -11.72
C HIS C 19 -5.95 -9.03 -11.34
N PRO C 20 -6.16 -9.90 -12.34
CA PRO C 20 -6.45 -11.29 -12.03
C PRO C 20 -5.17 -12.07 -11.73
N LEU C 21 -5.26 -12.97 -10.77
CA LEU C 21 -4.13 -13.82 -10.35
C LEU C 21 -4.72 -15.06 -9.71
N TYR C 22 -4.59 -16.19 -10.41
CA TYR C 22 -5.10 -17.44 -9.90
C TYR C 22 -3.93 -18.24 -9.31
N VAL C 23 -4.07 -18.68 -8.07
CA VAL C 23 -3.01 -19.44 -7.43
C VAL C 23 -3.37 -20.92 -7.44
N ASP C 24 -2.67 -21.69 -8.26
CA ASP C 24 -2.89 -23.13 -8.33
C ASP C 24 -1.89 -23.76 -7.38
N PHE C 25 -2.40 -24.41 -6.34
CA PHE C 25 -1.55 -25.02 -5.34
C PHE C 25 -0.58 -26.07 -5.85
N SER C 26 -0.73 -26.47 -7.11
CA SER C 26 0.18 -27.45 -7.70
C SER C 26 1.35 -26.70 -8.31
N ASP C 27 1.05 -25.57 -8.97
CA ASP C 27 2.11 -24.81 -9.58
C ASP C 27 3.13 -24.34 -8.55
N VAL C 28 2.66 -23.94 -7.37
CA VAL C 28 3.57 -23.48 -6.33
C VAL C 28 4.11 -24.68 -5.54
N GLY C 29 3.43 -25.80 -5.63
CA GLY C 29 3.88 -26.99 -4.94
C GLY C 29 3.41 -27.12 -3.50
N TRP C 30 2.10 -26.98 -3.27
CA TRP C 30 1.53 -27.08 -1.93
C TRP C 30 0.44 -28.15 -1.89
N ASN C 31 0.23 -28.82 -3.01
CA ASN C 31 -0.79 -29.85 -3.11
C ASN C 31 -0.48 -31.05 -2.26
N ASP C 32 0.68 -31.04 -1.61
CA ASP C 32 1.06 -32.15 -0.75
C ASP C 32 0.49 -31.92 0.65
N TRP C 33 0.24 -30.67 1.02
CA TRP C 33 -0.33 -30.43 2.35
C TRP C 33 -1.70 -29.75 2.30
N ILE C 34 -2.09 -29.23 1.14
CA ILE C 34 -3.40 -28.60 0.99
C ILE C 34 -4.28 -29.54 0.16
N VAL C 35 -5.29 -30.13 0.79
CA VAL C 35 -6.16 -31.06 0.07
C VAL C 35 -7.25 -30.37 -0.73
N ALA C 36 -7.75 -29.24 -0.24
CA ALA C 36 -8.80 -28.50 -0.95
C ALA C 36 -8.78 -27.05 -0.49
N PRO C 37 -9.04 -26.11 -1.41
CA PRO C 37 -9.31 -26.36 -2.83
C PRO C 37 -8.03 -26.63 -3.60
N PRO C 38 -8.14 -26.90 -4.91
CA PRO C 38 -6.94 -27.15 -5.71
C PRO C 38 -6.25 -25.84 -6.12
N GLY C 39 -6.96 -24.74 -5.91
CA GLY C 39 -6.44 -23.42 -6.25
C GLY C 39 -7.50 -22.38 -5.94
N TYR C 40 -7.23 -21.11 -6.22
CA TYR C 40 -8.20 -20.06 -5.95
C TYR C 40 -7.80 -18.73 -6.59
N HIS C 41 -8.76 -17.84 -6.78
CA HIS C 41 -8.50 -16.51 -7.36
C HIS C 41 -8.14 -15.54 -6.27
N ALA C 42 -6.88 -15.11 -6.29
CA ALA C 42 -6.37 -14.21 -5.28
C ALA C 42 -6.39 -12.76 -5.73
N PHE C 43 -6.05 -12.54 -7.00
CA PHE C 43 -5.98 -11.21 -7.59
C PHE C 43 -4.80 -10.45 -7.00
N TYR C 44 -4.60 -9.23 -7.50
CA TYR C 44 -3.53 -8.38 -6.98
C TYR C 44 -3.74 -6.96 -7.48
N CYS C 45 -3.20 -6.00 -6.73
CA CYS C 45 -3.33 -4.60 -7.09
C CYS C 45 -2.07 -4.11 -7.73
N HIS C 46 -2.22 -3.21 -8.70
CA HIS C 46 -1.07 -2.70 -9.40
C HIS C 46 -1.46 -1.52 -10.27
N GLY C 47 -0.51 -0.61 -10.47
CA GLY C 47 -0.79 0.57 -11.27
C GLY C 47 -0.43 1.87 -10.56
N GLU C 48 -0.32 2.93 -11.34
CA GLU C 48 0.05 4.21 -10.80
C GLU C 48 -1.03 4.96 -10.03
N CYS C 49 -0.57 5.85 -9.16
CA CYS C 49 -1.40 6.71 -8.34
C CYS C 49 -0.99 8.12 -8.75
N PRO C 50 -1.67 8.66 -9.77
CA PRO C 50 -1.38 10.01 -10.28
C PRO C 50 -2.14 11.11 -9.55
N PHE C 51 -1.92 12.34 -9.99
CA PHE C 51 -2.63 13.45 -9.43
C PHE C 51 -3.61 13.92 -10.49
N PRO C 52 -4.88 14.12 -10.11
CA PRO C 52 -5.35 13.92 -8.74
C PRO C 52 -5.76 12.45 -8.55
N LEU C 53 -5.97 12.05 -7.30
CA LEU C 53 -6.40 10.69 -7.01
C LEU C 53 -7.92 10.71 -7.14
N ALA C 54 -8.44 9.96 -8.10
CA ALA C 54 -9.88 9.91 -8.35
C ALA C 54 -10.65 9.13 -7.30
N ASP C 55 -11.93 9.47 -7.17
CA ASP C 55 -12.85 8.85 -6.22
C ASP C 55 -12.66 7.34 -6.06
N HIS C 56 -12.64 6.60 -7.16
CA HIS C 56 -12.54 5.16 -7.12
C HIS C 56 -11.22 4.58 -6.62
N LEU C 57 -10.21 5.43 -6.46
CA LEU C 57 -8.91 4.95 -5.96
C LEU C 57 -8.94 4.94 -4.44
N ASN C 58 -10.10 5.32 -3.89
CA ASN C 58 -10.32 5.39 -2.44
C ASN C 58 -9.03 5.52 -1.67
N SER C 59 -8.52 6.73 -1.57
CA SER C 59 -7.26 6.94 -0.86
C SER C 59 -7.44 7.80 0.38
N THR C 60 -6.45 7.72 1.27
CA THR C 60 -6.43 8.46 2.51
C THR C 60 -5.89 9.86 2.29
N ASN C 61 -6.15 10.75 3.25
CA ASN C 61 -5.66 12.12 3.16
C ASN C 61 -4.13 12.12 3.04
N HIS C 62 -3.48 11.25 3.79
CA HIS C 62 -2.03 11.19 3.74
C HIS C 62 -1.59 10.89 2.31
N ALA C 63 -2.20 9.91 1.68
CA ALA C 63 -1.87 9.56 0.31
C ALA C 63 -2.01 10.80 -0.61
N ILE C 64 -3.10 11.55 -0.39
CA ILE C 64 -3.37 12.77 -1.16
C ILE C 64 -2.18 13.72 -0.97
N VAL C 65 -1.94 14.10 0.26
CA VAL C 65 -0.84 15.01 0.58
C VAL C 65 0.49 14.48 0.06
N GLN C 66 0.76 13.19 0.26
CA GLN C 66 2.03 12.67 -0.22
C GLN C 66 2.16 12.83 -1.73
N THR C 67 1.06 12.60 -2.45
CA THR C 67 1.05 12.74 -3.91
C THR C 67 1.34 14.18 -4.35
N LEU C 68 0.83 15.15 -3.60
CA LEU C 68 1.07 16.56 -3.92
C LEU C 68 2.53 16.91 -3.67
N VAL C 69 3.08 16.42 -2.56
CA VAL C 69 4.46 16.68 -2.21
C VAL C 69 5.37 16.13 -3.32
N ASN C 70 5.05 14.93 -3.80
CA ASN C 70 5.82 14.34 -4.88
C ASN C 70 5.79 15.24 -6.13
N SER C 71 4.73 16.00 -6.30
CA SER C 71 4.60 16.92 -7.43
C SER C 71 5.52 18.11 -7.28
N VAL C 72 5.82 18.45 -6.04
CA VAL C 72 6.70 19.58 -5.73
C VAL C 72 8.16 19.15 -5.70
N ASN C 73 8.38 17.90 -5.30
CA ASN C 73 9.73 17.36 -5.23
C ASN C 73 9.67 15.84 -5.40
N SER C 74 10.18 15.33 -6.51
CA SER C 74 10.15 13.90 -6.79
C SER C 74 10.99 12.99 -5.92
N LYS C 75 11.68 13.56 -4.93
CA LYS C 75 12.49 12.73 -4.03
C LYS C 75 11.54 11.91 -3.16
N ILE C 76 10.34 12.44 -2.94
CA ILE C 76 9.32 11.77 -2.14
C ILE C 76 8.51 10.89 -3.10
N PRO C 77 8.37 9.60 -2.78
CA PRO C 77 7.62 8.62 -3.59
C PRO C 77 6.14 8.92 -3.73
N LYS C 78 5.51 8.31 -4.73
CA LYS C 78 4.06 8.47 -4.95
C LYS C 78 3.37 7.45 -4.04
N ALA C 79 2.05 7.57 -3.89
CA ALA C 79 1.30 6.62 -3.07
C ALA C 79 1.40 5.26 -3.76
N CYS C 80 1.07 4.18 -3.05
CA CYS C 80 1.16 2.85 -3.67
C CYS C 80 -0.18 2.14 -3.87
N CYS C 81 -0.29 1.42 -4.98
CA CYS C 81 -1.51 0.67 -5.29
C CYS C 81 -1.52 -0.65 -4.51
N VAL C 82 -2.38 -0.73 -3.51
CA VAL C 82 -2.46 -1.92 -2.67
C VAL C 82 -3.91 -2.29 -2.38
N PRO C 83 -4.13 -3.52 -1.85
CA PRO C 83 -5.48 -3.95 -1.54
C PRO C 83 -6.06 -3.06 -0.44
N THR C 84 -7.35 -2.76 -0.55
CA THR C 84 -8.01 -1.94 0.45
C THR C 84 -9.16 -2.73 1.06
N GLU C 85 -9.55 -3.81 0.39
CA GLU C 85 -10.62 -4.68 0.87
C GLU C 85 -10.25 -6.12 0.54
N LEU C 86 -10.36 -7.01 1.53
CA LEU C 86 -10.02 -8.42 1.34
C LEU C 86 -11.02 -9.36 2.00
N SER C 87 -11.29 -10.49 1.35
CA SER C 87 -12.22 -11.49 1.90
C SER C 87 -11.44 -12.75 2.25
N ALA C 88 -12.02 -13.59 3.10
CA ALA C 88 -11.35 -14.82 3.51
C ALA C 88 -11.76 -16.00 2.64
N ILE C 89 -11.14 -17.15 2.89
CA ILE C 89 -11.48 -18.39 2.18
C ILE C 89 -11.19 -19.54 3.12
N SER C 90 -11.79 -20.69 2.84
CA SER C 90 -11.58 -21.86 3.69
C SER C 90 -10.73 -22.88 2.96
N MET C 91 -9.86 -23.53 3.71
CA MET C 91 -8.99 -24.53 3.14
C MET C 91 -8.93 -25.75 4.02
N LEU C 92 -8.68 -26.88 3.41
CA LEU C 92 -8.58 -28.16 4.07
C LEU C 92 -7.13 -28.62 3.91
N TYR C 93 -6.36 -28.62 4.99
CA TYR C 93 -4.96 -29.04 4.90
C TYR C 93 -4.60 -30.14 5.89
N LEU C 94 -3.41 -30.70 5.71
CA LEU C 94 -2.89 -31.75 6.57
C LEU C 94 -1.86 -31.18 7.54
N ASP C 95 -2.12 -31.30 8.84
CA ASP C 95 -1.17 -30.82 9.84
C ASP C 95 -0.13 -31.94 10.04
N GLU C 96 0.97 -31.63 10.71
CA GLU C 96 2.01 -32.63 10.94
C GLU C 96 1.46 -33.98 11.40
N ASN C 97 0.32 -33.95 12.09
CA ASN C 97 -0.30 -35.18 12.61
C ASN C 97 -0.91 -36.07 11.51
N GLU C 98 -0.82 -35.62 10.26
CA GLU C 98 -1.37 -36.38 9.14
C GLU C 98 -2.88 -36.34 9.12
N LYS C 99 -3.45 -35.39 9.87
CA LYS C 99 -4.91 -35.25 9.95
C LYS C 99 -5.43 -34.04 9.16
N VAL C 100 -6.53 -34.24 8.44
CA VAL C 100 -7.14 -33.18 7.66
C VAL C 100 -7.85 -32.18 8.57
N VAL C 101 -7.46 -30.91 8.45
CA VAL C 101 -8.03 -29.85 9.26
C VAL C 101 -8.69 -28.78 8.39
N LEU C 102 -9.77 -28.19 8.89
CA LEU C 102 -10.46 -27.13 8.17
C LEU C 102 -10.09 -25.82 8.82
N LYS C 103 -9.53 -24.92 8.04
CA LYS C 103 -9.12 -23.62 8.55
C LYS C 103 -9.67 -22.53 7.65
N ASN C 104 -9.97 -21.39 8.26
CA ASN C 104 -10.51 -20.28 7.50
C ASN C 104 -9.49 -19.15 7.50
N TYR C 105 -8.84 -18.96 6.36
CA TYR C 105 -7.81 -17.93 6.23
C TYR C 105 -8.36 -16.57 5.84
N GLN C 106 -8.09 -15.59 6.70
CA GLN C 106 -8.53 -14.20 6.50
C GLN C 106 -7.67 -13.47 5.48
N ASP C 107 -8.24 -12.42 4.88
CA ASP C 107 -7.53 -11.59 3.93
C ASP C 107 -6.78 -12.37 2.85
N MET C 108 -7.44 -13.34 2.24
CA MET C 108 -6.82 -14.14 1.20
C MET C 108 -7.11 -13.66 -0.21
N VAL C 109 -8.25 -12.98 -0.36
CA VAL C 109 -8.72 -12.50 -1.65
C VAL C 109 -8.85 -10.98 -1.75
N VAL C 110 -8.18 -10.39 -2.74
CA VAL C 110 -8.25 -8.95 -2.95
C VAL C 110 -9.62 -8.62 -3.51
N GLU C 111 -10.40 -7.87 -2.76
CA GLU C 111 -11.74 -7.49 -3.19
C GLU C 111 -11.70 -6.13 -3.87
N GLY C 112 -10.81 -5.26 -3.40
CA GLY C 112 -10.68 -3.94 -3.98
C GLY C 112 -9.28 -3.37 -3.80
N CYS C 113 -8.94 -2.42 -4.67
CA CYS C 113 -7.63 -1.77 -4.63
C CYS C 113 -7.73 -0.27 -4.40
N GLY C 114 -6.63 0.33 -4.01
CA GLY C 114 -6.62 1.76 -3.75
C GLY C 114 -5.21 2.31 -3.62
N CYS C 115 -5.09 3.62 -3.52
CA CYS C 115 -3.80 4.29 -3.40
C CYS C 115 -3.50 4.71 -1.97
N ARG C 116 -2.43 4.15 -1.40
CA ARG C 116 -2.03 4.46 -0.01
C ARG C 116 -0.59 4.94 0.09
N THR D 1 -23.28 11.66 2.89
CA THR D 1 -22.03 11.14 2.25
C THR D 1 -22.28 10.01 1.26
N LEU D 2 -23.50 9.98 0.70
CA LEU D 2 -23.86 8.97 -0.29
C LEU D 2 -23.62 9.68 -1.62
N PRO D 3 -23.06 8.98 -2.62
CA PRO D 3 -22.84 9.66 -3.90
C PRO D 3 -24.13 10.26 -4.44
N PHE D 4 -24.07 11.49 -4.95
CA PHE D 4 -25.26 12.17 -5.46
C PHE D 4 -24.93 13.00 -6.68
N LEU D 5 -23.63 13.20 -6.91
CA LEU D 5 -23.18 14.01 -8.04
C LEU D 5 -22.78 13.13 -9.21
N LYS D 6 -23.18 13.53 -10.41
CA LYS D 6 -22.85 12.79 -11.62
C LYS D 6 -21.86 13.63 -12.41
N CYS D 7 -20.73 13.04 -12.73
CA CYS D 7 -19.69 13.75 -13.45
C CYS D 7 -19.28 13.06 -14.73
N TYR D 8 -18.66 13.83 -15.60
CA TYR D 8 -18.16 13.33 -16.86
C TYR D 8 -16.71 12.95 -16.53
N CYS D 9 -16.28 11.80 -17.01
CA CYS D 9 -14.91 11.37 -16.76
C CYS D 9 -14.20 11.03 -18.07
N SER D 10 -12.90 11.29 -18.09
CA SER D 10 -12.09 11.04 -19.25
C SER D 10 -10.66 10.88 -18.75
N GLY D 11 -10.11 9.68 -18.90
CA GLY D 11 -8.76 9.43 -18.44
C GLY D 11 -8.75 8.95 -16.99
N HIS D 12 -9.75 9.37 -16.21
CA HIS D 12 -9.84 8.98 -14.81
C HIS D 12 -11.12 8.21 -14.47
N CYS D 13 -11.76 7.65 -15.49
CA CYS D 13 -12.98 6.89 -15.28
C CYS D 13 -12.72 5.61 -14.55
N PRO D 14 -13.65 5.22 -13.65
CA PRO D 14 -13.49 3.96 -12.91
C PRO D 14 -13.86 2.88 -13.92
N ASP D 15 -13.45 1.64 -13.67
CA ASP D 15 -13.75 0.57 -14.62
C ASP D 15 -15.22 0.31 -14.90
N ASP D 16 -16.07 0.63 -13.94
CA ASP D 16 -17.50 0.42 -14.11
C ASP D 16 -18.25 1.67 -14.56
N ALA D 17 -17.58 2.58 -15.25
CA ALA D 17 -18.23 3.79 -15.70
C ALA D 17 -19.24 3.48 -16.81
N ILE D 18 -20.20 4.39 -17.00
CA ILE D 18 -21.22 4.24 -18.03
C ILE D 18 -21.26 5.50 -18.90
N ASN D 19 -20.97 5.32 -20.18
CA ASN D 19 -20.97 6.42 -21.13
C ASN D 19 -20.11 7.57 -20.65
N ASN D 20 -18.92 7.27 -20.15
CA ASN D 20 -18.00 8.28 -19.67
C ASN D 20 -18.56 9.16 -18.57
N THR D 21 -19.11 8.52 -17.55
CA THR D 21 -19.62 9.27 -16.42
C THR D 21 -19.35 8.45 -15.18
N CYS D 22 -19.19 9.14 -14.06
CA CYS D 22 -18.93 8.49 -12.78
C CYS D 22 -19.82 9.20 -11.78
N ILE D 23 -20.09 8.57 -10.65
CA ILE D 23 -20.89 9.21 -9.62
C ILE D 23 -19.98 9.41 -8.41
N THR D 24 -20.24 10.46 -7.62
CA THR D 24 -19.41 10.76 -6.47
C THR D 24 -20.15 11.62 -5.43
N ASN D 25 -19.53 11.84 -4.29
CA ASN D 25 -20.12 12.64 -3.23
C ASN D 25 -19.25 13.88 -3.02
N GLY D 26 -18.29 14.07 -3.92
CA GLY D 26 -17.39 15.19 -3.82
C GLY D 26 -17.51 16.24 -4.91
N HIS D 27 -16.58 16.21 -5.86
CA HIS D 27 -16.59 17.19 -6.94
C HIS D 27 -16.32 16.56 -8.28
N CYS D 28 -16.56 17.36 -9.32
CA CYS D 28 -16.28 16.95 -10.67
C CYS D 28 -15.02 17.77 -10.97
N PHE D 29 -14.08 17.23 -11.72
CA PHE D 29 -12.88 18.00 -12.02
C PHE D 29 -12.41 17.89 -13.46
N ALA D 30 -11.67 18.88 -13.89
CA ALA D 30 -11.09 18.88 -15.22
C ALA D 30 -9.65 19.31 -14.98
N ILE D 31 -8.70 18.75 -15.72
CA ILE D 31 -7.32 19.14 -15.52
C ILE D 31 -6.48 19.06 -16.80
N ILE D 32 -5.59 20.05 -16.97
CA ILE D 32 -4.68 20.10 -18.11
C ILE D 32 -3.26 19.99 -17.56
N GLU D 33 -2.42 19.19 -18.22
CA GLU D 33 -1.06 18.98 -17.79
C GLU D 33 -0.10 19.20 -18.94
N GLU D 34 1.20 19.09 -18.67
CA GLU D 34 2.22 19.26 -19.70
C GLU D 34 3.40 18.29 -19.53
N ASP D 35 4.00 17.92 -20.65
CA ASP D 35 5.15 17.00 -20.73
C ASP D 35 4.75 15.56 -20.43
N GLU D 39 2.10 16.14 -25.65
CA GLU D 39 2.76 16.82 -24.48
C GLU D 39 1.71 17.33 -23.48
N THR D 40 0.79 18.19 -23.93
CA THR D 40 -0.26 18.67 -23.04
C THR D 40 -1.49 17.80 -23.25
N THR D 41 -2.24 17.57 -22.19
CA THR D 41 -3.42 16.71 -22.26
C THR D 41 -4.57 17.23 -21.37
N LEU D 42 -5.77 16.72 -21.61
CA LEU D 42 -6.91 17.15 -20.82
C LEU D 42 -7.61 15.92 -20.25
N ALA D 43 -7.91 15.93 -18.96
CA ALA D 43 -8.58 14.81 -18.32
C ALA D 43 -9.64 15.31 -17.36
N SER D 44 -10.54 14.42 -16.97
CA SER D 44 -11.62 14.76 -16.05
C SER D 44 -12.06 13.52 -15.29
N GLY D 45 -12.82 13.72 -14.21
CA GLY D 45 -13.27 12.58 -13.43
C GLY D 45 -13.99 13.00 -12.17
N CYS D 46 -14.20 12.03 -11.28
CA CYS D 46 -14.87 12.26 -10.00
C CYS D 46 -13.85 12.29 -8.87
N MET D 47 -14.06 13.20 -7.93
CA MET D 47 -13.17 13.34 -6.79
C MET D 47 -13.94 13.15 -5.50
N LYS D 48 -13.51 12.20 -4.68
CA LYS D 48 -14.14 11.92 -3.40
C LYS D 48 -14.11 13.19 -2.57
N TYR D 49 -15.09 13.37 -1.68
CA TYR D 49 -15.14 14.58 -0.88
C TYR D 49 -13.96 14.77 0.08
N GLU D 50 -13.61 13.71 0.80
CA GLU D 50 -12.50 13.81 1.74
C GLU D 50 -11.18 14.02 1.01
N GLY D 51 -10.45 15.07 1.39
CA GLY D 51 -9.19 15.36 0.75
C GLY D 51 -9.32 16.22 -0.49
N SER D 52 -10.55 16.54 -0.87
CA SER D 52 -10.79 17.35 -2.05
C SER D 52 -10.27 18.77 -1.94
N ASP D 53 -10.30 19.36 -0.74
CA ASP D 53 -9.78 20.72 -0.61
C ASP D 53 -8.29 20.74 -0.95
N PHE D 54 -7.58 19.66 -0.64
CA PHE D 54 -6.17 19.60 -0.96
C PHE D 54 -5.96 19.52 -2.48
N GLN D 55 -6.70 18.62 -3.12
CA GLN D 55 -6.57 18.41 -4.57
C GLN D 55 -7.11 19.51 -5.46
N CYS D 56 -8.19 20.17 -5.04
CA CYS D 56 -8.75 21.24 -5.86
C CYS D 56 -7.91 22.52 -5.73
N LYS D 57 -7.16 22.64 -4.64
CA LYS D 57 -6.31 23.82 -4.46
C LYS D 57 -5.02 23.59 -5.24
N ASP D 58 -4.52 22.37 -5.17
CA ASP D 58 -3.28 21.98 -5.83
C ASP D 58 -2.16 22.80 -5.18
N SER D 59 -0.95 22.63 -5.69
CA SER D 59 0.17 23.37 -5.15
C SER D 59 0.74 24.27 -6.24
N PRO D 60 0.96 25.55 -5.91
CA PRO D 60 1.51 26.53 -6.85
C PRO D 60 2.93 26.19 -7.23
N LYS D 61 3.54 25.29 -6.45
CA LYS D 61 4.92 24.93 -6.68
C LYS D 61 5.16 23.53 -7.22
N ALA D 62 4.24 23.05 -8.05
CA ALA D 62 4.42 21.73 -8.64
C ALA D 62 5.46 21.88 -9.74
N GLN D 63 6.25 20.83 -9.97
CA GLN D 63 7.29 20.87 -11.01
C GLN D 63 6.76 21.07 -12.44
N LEU D 64 5.64 20.44 -12.76
CA LEU D 64 5.05 20.56 -14.09
C LEU D 64 3.87 21.50 -14.06
N ARG D 65 3.70 22.31 -15.10
CA ARG D 65 2.59 23.24 -15.15
C ARG D 65 1.29 22.50 -15.46
N ARG D 66 0.26 22.84 -14.68
CA ARG D 66 -1.04 22.21 -14.85
C ARG D 66 -2.07 23.04 -14.10
N THR D 67 -3.33 22.88 -14.49
CA THR D 67 -4.40 23.61 -13.83
C THR D 67 -5.55 22.65 -13.64
N ILE D 68 -6.12 22.67 -12.44
CA ILE D 68 -7.23 21.80 -12.15
C ILE D 68 -8.37 22.68 -11.69
N GLU D 69 -9.59 22.28 -12.01
CA GLU D 69 -10.78 23.02 -11.60
C GLU D 69 -11.83 22.04 -11.11
N CYS D 70 -12.54 22.46 -10.07
CA CYS D 70 -13.58 21.63 -9.47
C CYS D 70 -14.92 22.32 -9.47
N CYS D 71 -15.99 21.53 -9.45
CA CYS D 71 -17.36 22.05 -9.43
C CYS D 71 -18.30 20.97 -8.86
N ARG D 72 -19.44 21.41 -8.32
CA ARG D 72 -20.38 20.48 -7.71
C ARG D 72 -21.78 20.48 -8.32
N THR D 73 -21.84 20.42 -9.64
CA THR D 73 -23.10 20.42 -10.36
C THR D 73 -23.05 19.30 -11.40
N ASN D 74 -24.12 18.50 -11.47
CA ASN D 74 -24.17 17.39 -12.40
C ASN D 74 -23.60 17.74 -13.77
N LEU D 75 -22.63 16.94 -14.19
CA LEU D 75 -21.96 17.12 -15.47
C LEU D 75 -21.35 18.48 -15.72
N CYS D 76 -21.00 19.21 -14.65
CA CYS D 76 -20.37 20.53 -14.82
C CYS D 76 -19.00 20.30 -15.43
N ASN D 77 -18.55 19.05 -15.38
CA ASN D 77 -17.29 18.60 -15.96
C ASN D 77 -17.32 18.90 -17.45
N GLN D 78 -18.21 18.15 -18.11
CA GLN D 78 -18.46 18.20 -19.56
C GLN D 78 -17.68 19.23 -20.36
N TYR D 79 -18.00 20.50 -20.11
CA TYR D 79 -17.36 21.58 -20.82
C TYR D 79 -16.63 22.53 -19.87
N LEU D 80 -15.34 22.24 -19.68
CA LEU D 80 -14.45 23.01 -18.83
C LEU D 80 -13.09 22.96 -19.52
N GLN D 81 -12.50 24.13 -19.70
CA GLN D 81 -11.22 24.24 -20.37
C GLN D 81 -10.23 25.02 -19.51
N PRO D 82 -9.67 24.38 -18.48
CA PRO D 82 -8.72 25.13 -17.67
C PRO D 82 -7.59 25.61 -18.58
N THR D 83 -6.89 26.66 -18.17
CA THR D 83 -5.79 27.19 -18.98
C THR D 83 -4.49 27.06 -18.18
N LEU D 84 -3.46 26.48 -18.80
CA LEU D 84 -2.17 26.27 -18.16
C LEU D 84 -1.59 27.56 -17.59
N PRO D 85 -0.71 27.44 -16.59
CA PRO D 85 -0.10 28.61 -15.98
C PRO D 85 0.91 29.19 -16.95
N PRO D 86 1.06 30.51 -16.98
CA PRO D 86 2.03 31.06 -17.91
C PRO D 86 3.43 30.52 -17.65
N VAL D 87 4.15 30.20 -18.73
CA VAL D 87 5.51 29.71 -18.61
C VAL D 87 6.34 30.75 -17.85
N VAL D 88 7.21 30.28 -16.96
CA VAL D 88 8.07 31.18 -16.19
C VAL D 88 9.21 31.74 -17.03
N ILE D 89 9.46 33.05 -16.89
CA ILE D 89 10.51 33.72 -17.63
C ILE D 89 11.17 34.81 -16.77
#